data_7JJG
#
_entry.id   7JJG
#
_cell.length_a   46.740
_cell.length_b   57.470
_cell.length_c   59.310
_cell.angle_alpha   90.000
_cell.angle_beta   90.000
_cell.angle_gamma   90.000
#
_symmetry.space_group_name_H-M   'P 21 21 21'
#
loop_
_entity.id
_entity.type
_entity.pdbx_description
1 polymer 'Transcription initiation factor TFIID subunit 1'
2 non-polymer 4-{4-[(3R)-3-methylmorpholin-4-yl]-6-[1-(methylsulfonyl)cyclopropyl]pyrimidin-2-yl}-1H-indole
3 non-polymer 1,2-ETHANEDIOL
4 non-polymer GLYCEROL
5 water water
#
_entity_poly.entity_id   1
_entity_poly.type   'polypeptide(L)'
_entity_poly.pdbx_seq_one_letter_code
;SMDDDQVAFSFILDNIVTQKMMAVPDSWPFHHPVNKKFVPDYYKVIVNPMDLETIRKNISKHKYQSRESFLDDVNLILAN
SVKYNGPESQYTKTAQEIVNVCYQTLTEYDEHLTQLEKDICTAKEAALEEAELESLD
;
_entity_poly.pdbx_strand_id   A
#
# COMPACT_ATOMS: atom_id res chain seq x y z
N SER A 1 -21.00 9.68 0.96
CA SER A 1 -20.89 8.78 2.12
C SER A 1 -19.43 8.50 2.42
N MET A 2 -19.10 8.20 3.68
CA MET A 2 -17.74 7.76 3.99
C MET A 2 -17.46 6.42 3.30
N ASP A 3 -18.44 5.53 3.26
CA ASP A 3 -18.24 4.27 2.54
C ASP A 3 -17.99 4.53 1.07
N ASP A 4 -18.76 5.45 0.46
CA ASP A 4 -18.51 5.79 -0.93
C ASP A 4 -17.09 6.31 -1.11
N ASP A 5 -16.63 7.15 -0.18
CA ASP A 5 -15.29 7.73 -0.31
C ASP A 5 -14.21 6.68 -0.09
N GLN A 6 -14.43 5.76 0.84
CA GLN A 6 -13.46 4.68 1.07
C GLN A 6 -13.33 3.81 -0.16
N VAL A 7 -14.45 3.53 -0.83
CA VAL A 7 -14.41 2.71 -2.03
C VAL A 7 -13.63 3.42 -3.13
N ALA A 8 -13.83 4.72 -3.30
CA ALA A 8 -13.10 5.43 -4.35
C ALA A 8 -11.62 5.51 -4.03
N PHE A 9 -11.28 5.85 -2.79
CA PHE A 9 -9.88 5.89 -2.37
C PHE A 9 -9.21 4.55 -2.61
N SER A 10 -9.86 3.47 -2.17
CA SER A 10 -9.26 2.15 -2.33
C SER A 10 -9.14 1.76 -3.79
N PHE A 11 -10.13 2.12 -4.62
CA PHE A 11 -10.05 1.76 -6.03
C PHE A 11 -8.89 2.49 -6.72
N ILE A 12 -8.67 3.77 -6.39
CA ILE A 12 -7.55 4.48 -6.98
C ILE A 12 -6.24 3.78 -6.61
N LEU A 13 -6.07 3.45 -5.33
CA LEU A 13 -4.86 2.75 -4.94
C LEU A 13 -4.74 1.41 -5.64
N ASP A 14 -5.83 0.65 -5.72
CA ASP A 14 -5.74 -0.67 -6.35
C ASP A 14 -5.32 -0.54 -7.81
N ASN A 15 -5.82 0.48 -8.49
CA ASN A 15 -5.48 0.68 -9.89
C ASN A 15 -4.02 1.05 -10.05
N ILE A 16 -3.45 1.81 -9.11
CA ILE A 16 -2.02 2.06 -9.15
C ILE A 16 -1.26 0.75 -9.05
N VAL A 17 -1.68 -0.13 -8.14
CA VAL A 17 -0.98 -1.41 -7.97
C VAL A 17 -1.09 -2.24 -9.24
N THR A 18 -2.31 -2.44 -9.75
CA THR A 18 -2.47 -3.40 -10.84
C THR A 18 -2.02 -2.84 -12.19
N GLN A 19 -2.25 -1.55 -12.45
CA GLN A 19 -1.99 -1.01 -13.77
C GLN A 19 -0.60 -0.44 -13.93
N LYS A 20 0.03 -0.04 -12.82
CA LYS A 20 1.34 0.58 -12.85
C LYS A 20 2.39 -0.28 -12.19
N MET A 21 2.22 -0.62 -10.91
CA MET A 21 3.29 -1.30 -10.18
C MET A 21 3.50 -2.70 -10.70
N MET A 22 2.41 -3.45 -10.89
CA MET A 22 2.54 -4.83 -11.36
C MET A 22 2.96 -4.92 -12.81
N ALA A 23 2.87 -3.81 -13.54
CA ALA A 23 3.28 -3.73 -14.94
C ALA A 23 4.75 -3.41 -15.13
N VAL A 24 5.48 -3.13 -14.06
CA VAL A 24 6.92 -2.89 -14.19
C VAL A 24 7.58 -4.16 -14.72
N PRO A 25 8.41 -4.08 -15.74
CA PRO A 25 9.04 -5.29 -16.26
C PRO A 25 9.81 -6.04 -15.18
N ASP A 26 9.70 -7.37 -15.21
CA ASP A 26 10.48 -8.26 -14.34
C ASP A 26 10.16 -8.04 -12.85
N SER A 27 8.95 -7.59 -12.58
CA SER A 27 8.52 -7.35 -11.20
C SER A 27 7.94 -8.58 -10.51
N TRP A 28 7.98 -9.76 -11.14
CA TRP A 28 7.47 -11.00 -10.54
C TRP A 28 7.99 -11.25 -9.12
N PRO A 29 9.20 -10.87 -8.73
CA PRO A 29 9.64 -11.22 -7.35
C PRO A 29 8.80 -10.59 -6.28
N PHE A 30 8.06 -9.54 -6.61
CA PHE A 30 7.32 -8.71 -5.65
C PHE A 30 5.83 -8.84 -5.78
N HIS A 31 5.35 -9.75 -6.63
CA HIS A 31 3.92 -9.84 -6.85
C HIS A 31 3.17 -10.62 -5.79
N HIS A 32 3.85 -11.46 -5.03
CA HIS A 32 3.25 -12.38 -4.09
C HIS A 32 4.18 -12.50 -2.89
N PRO A 33 3.67 -12.95 -1.75
CA PRO A 33 4.57 -13.30 -0.65
C PRO A 33 5.54 -14.40 -1.06
N VAL A 34 6.77 -14.29 -0.57
CA VAL A 34 7.76 -15.35 -0.77
C VAL A 34 7.26 -16.64 -0.15
N ASN A 35 7.36 -17.72 -0.90
CA ASN A 35 7.01 -19.05 -0.41
C ASN A 35 8.14 -19.58 0.44
N LYS A 36 7.85 -19.84 1.72
CA LYS A 36 8.89 -20.25 2.66
C LYS A 36 9.52 -21.58 2.26
N LYS A 37 8.79 -22.42 1.55
CA LYS A 37 9.36 -23.68 1.06
C LYS A 37 10.33 -23.45 -0.08
N PHE A 38 10.18 -22.35 -0.81
CA PHE A 38 11.11 -22.02 -1.88
C PHE A 38 12.32 -21.25 -1.38
N VAL A 39 12.14 -20.39 -0.37
CA VAL A 39 13.23 -19.56 0.13
C VAL A 39 13.23 -19.68 1.64
N PRO A 40 13.77 -20.78 2.18
CA PRO A 40 13.61 -21.06 3.62
C PRO A 40 14.17 -19.99 4.54
N ASP A 41 15.21 -19.27 4.17
CA ASP A 41 15.74 -18.28 5.09
C ASP A 41 15.10 -16.91 4.94
N TYR A 42 14.16 -16.74 4.01
CA TYR A 42 13.63 -15.40 3.77
C TYR A 42 13.07 -14.80 5.04
N TYR A 43 12.27 -15.57 5.77
CA TYR A 43 11.57 -15.06 6.94
C TYR A 43 12.44 -15.08 8.18
N LYS A 44 13.65 -15.61 8.09
CA LYS A 44 14.63 -15.39 9.15
C LYS A 44 15.27 -14.02 9.03
N VAL A 45 15.34 -13.46 7.83
CA VAL A 45 16.00 -12.20 7.58
C VAL A 45 15.00 -11.05 7.58
N ILE A 46 13.84 -11.27 6.96
CA ILE A 46 12.83 -10.24 6.73
C ILE A 46 11.74 -10.38 7.77
N VAL A 47 11.71 -9.44 8.72
CA VAL A 47 10.79 -9.49 9.85
C VAL A 47 9.42 -8.96 9.49
N ASN A 48 9.34 -8.01 8.56
CA ASN A 48 8.09 -7.35 8.20
C ASN A 48 7.87 -7.51 6.70
N PRO A 49 7.46 -8.70 6.26
CA PRO A 49 7.34 -8.93 4.83
C PRO A 49 6.21 -8.12 4.21
N MET A 50 6.34 -7.84 2.91
CA MET A 50 5.32 -7.11 2.18
C MET A 50 5.51 -7.40 0.69
N ASP A 51 4.40 -7.34 -0.04
CA ASP A 51 4.38 -7.67 -1.47
C ASP A 51 3.12 -7.06 -2.05
N LEU A 52 3.04 -7.07 -3.37
CA LEU A 52 1.93 -6.37 -4.03
C LEU A 52 0.60 -7.09 -3.83
N GLU A 53 0.59 -8.43 -3.74
CA GLU A 53 -0.67 -9.11 -3.45
C GLU A 53 -1.20 -8.74 -2.07
N THR A 54 -0.30 -8.70 -1.08
CA THR A 54 -0.71 -8.33 0.26
C THR A 54 -1.23 -6.90 0.30
N ILE A 55 -0.60 -5.99 -0.44
CA ILE A 55 -1.12 -4.63 -0.50
C ILE A 55 -2.53 -4.63 -1.07
N ARG A 56 -2.77 -5.40 -2.15
CA ARG A 56 -4.11 -5.45 -2.70
C ARG A 56 -5.11 -6.01 -1.69
N LYS A 57 -4.70 -7.03 -0.92
CA LYS A 57 -5.59 -7.55 0.10
C LYS A 57 -5.92 -6.46 1.11
N ASN A 58 -4.91 -5.70 1.53
CA ASN A 58 -5.13 -4.63 2.49
C ASN A 58 -6.05 -3.57 1.91
N ILE A 59 -5.88 -3.25 0.62
CA ILE A 59 -6.77 -2.30 -0.04
C ILE A 59 -8.20 -2.80 -0.01
N SER A 60 -8.41 -4.10 -0.27
CA SER A 60 -9.75 -4.64 -0.33
C SER A 60 -10.43 -4.60 1.04
N LYS A 61 -9.64 -4.58 2.11
CA LYS A 61 -10.13 -4.46 3.47
C LYS A 61 -10.20 -3.01 3.93
N HIS A 62 -9.97 -2.07 3.03
CA HIS A 62 -9.90 -0.63 3.33
C HIS A 62 -8.94 -0.31 4.47
N LYS A 63 -7.81 -1.00 4.52
CA LYS A 63 -6.81 -0.75 5.58
C LYS A 63 -6.23 0.66 5.42
N TYR A 64 -6.02 1.11 4.19
CA TYR A 64 -5.33 2.36 3.95
C TYR A 64 -6.34 3.50 3.91
N GLN A 65 -6.19 4.44 4.83
CA GLN A 65 -7.01 5.63 4.89
C GLN A 65 -6.24 6.88 4.51
N SER A 66 -4.96 6.74 4.18
CA SER A 66 -4.12 7.87 3.82
C SER A 66 -3.09 7.43 2.80
N ARG A 67 -2.60 8.41 2.04
CA ARG A 67 -1.46 8.16 1.16
C ARG A 67 -0.24 7.71 1.95
N GLU A 68 -0.01 8.32 3.13
CA GLU A 68 1.18 7.95 3.90
C GLU A 68 1.14 6.48 4.30
N SER A 69 -0.01 5.99 4.75
CA SER A 69 -0.09 4.61 5.24
CA SER A 69 -0.09 4.61 5.24
C SER A 69 0.08 3.62 4.10
N PHE A 70 -0.45 3.95 2.92
CA PHE A 70 -0.21 3.14 1.73
C PHE A 70 1.27 3.10 1.40
N LEU A 71 1.93 4.27 1.38
CA LEU A 71 3.33 4.34 1.03
C LEU A 71 4.23 3.70 2.07
N ASP A 72 3.78 3.60 3.33
CA ASP A 72 4.53 2.84 4.33
C ASP A 72 4.75 1.41 3.86
N ASP A 73 3.69 0.78 3.35
CA ASP A 73 3.80 -0.61 2.92
C ASP A 73 4.49 -0.73 1.57
N VAL A 74 4.26 0.21 0.65
CA VAL A 74 5.00 0.21 -0.60
C VAL A 74 6.50 0.28 -0.34
N ASN A 75 6.91 1.15 0.60
CA ASN A 75 8.32 1.30 0.83
C ASN A 75 8.93 0.08 1.51
N LEU A 76 8.13 -0.70 2.25
CA LEU A 76 8.62 -1.93 2.86
C LEU A 76 9.11 -2.90 1.79
N ILE A 77 8.43 -2.92 0.64
CA ILE A 77 8.88 -3.81 -0.44
C ILE A 77 10.30 -3.46 -0.84
N LEU A 78 10.58 -2.17 -1.02
CA LEU A 78 11.92 -1.73 -1.39
C LEU A 78 12.90 -1.97 -0.25
N ALA A 79 12.52 -1.62 0.98
CA ALA A 79 13.46 -1.78 2.08
C ALA A 79 13.79 -3.23 2.33
N ASN A 80 12.82 -4.14 2.14
CA ASN A 80 13.12 -5.55 2.32
C ASN A 80 14.01 -6.08 1.23
N SER A 81 13.94 -5.52 0.02
CA SER A 81 14.88 -5.96 -1.02
C SER A 81 16.29 -5.45 -0.73
N VAL A 82 16.40 -4.22 -0.26
CA VAL A 82 17.71 -3.71 0.14
C VAL A 82 18.34 -4.66 1.16
N LYS A 83 17.55 -5.06 2.17
CA LYS A 83 18.07 -5.91 3.23
C LYS A 83 18.39 -7.31 2.74
N TYR A 84 17.47 -7.94 1.99
CA TYR A 84 17.69 -9.33 1.65
C TYR A 84 18.68 -9.48 0.50
N ASN A 85 18.62 -8.59 -0.49
CA ASN A 85 19.35 -8.74 -1.74
C ASN A 85 20.53 -7.78 -1.84
N GLY A 86 20.49 -6.68 -1.11
CA GLY A 86 21.53 -5.68 -1.19
C GLY A 86 21.08 -4.47 -1.98
N PRO A 87 21.69 -3.31 -1.70
CA PRO A 87 21.24 -2.07 -2.35
C PRO A 87 21.54 -1.99 -3.84
N GLU A 88 22.50 -2.77 -4.36
CA GLU A 88 22.86 -2.74 -5.75
C GLU A 88 22.34 -3.94 -6.52
N SER A 89 21.58 -4.82 -5.87
CA SER A 89 21.02 -5.98 -6.56
C SER A 89 20.02 -5.56 -7.62
N GLN A 90 19.97 -6.33 -8.71
CA GLN A 90 18.97 -6.08 -9.73
C GLN A 90 17.55 -6.22 -9.15
N TYR A 91 17.39 -7.06 -8.13
CA TYR A 91 16.09 -7.12 -7.48
C TYR A 91 15.71 -5.75 -6.91
N THR A 92 16.68 -5.09 -6.29
CA THR A 92 16.41 -3.80 -5.65
C THR A 92 16.18 -2.72 -6.70
N LYS A 93 16.90 -2.77 -7.81
CA LYS A 93 16.64 -1.82 -8.89
C LYS A 93 15.20 -1.96 -9.39
N THR A 94 14.71 -3.20 -9.49
CA THR A 94 13.34 -3.42 -9.90
C THR A 94 12.36 -2.90 -8.86
N ALA A 95 12.60 -3.21 -7.58
CA ALA A 95 11.74 -2.67 -6.53
C ALA A 95 11.73 -1.15 -6.56
N GLN A 96 12.88 -0.53 -6.86
CA GLN A 96 12.92 0.92 -6.89
C GLN A 96 12.05 1.47 -8.00
N GLU A 97 12.00 0.77 -9.15
CA GLU A 97 11.15 1.20 -10.24
C GLU A 97 9.68 1.04 -9.88
N ILE A 98 9.34 -0.03 -9.15
CA ILE A 98 7.98 -0.20 -8.65
C ILE A 98 7.58 0.98 -7.78
N VAL A 99 8.44 1.34 -6.82
CA VAL A 99 8.14 2.47 -5.94
C VAL A 99 8.05 3.77 -6.74
N ASN A 100 8.93 3.95 -7.71
CA ASN A 100 8.92 5.23 -8.43
C ASN A 100 7.67 5.38 -9.28
N VAL A 101 7.20 4.30 -9.92
CA VAL A 101 5.97 4.48 -10.71
C VAL A 101 4.78 4.66 -9.79
N CYS A 102 4.83 4.10 -8.58
CA CYS A 102 3.82 4.39 -7.58
C CYS A 102 3.79 5.87 -7.25
N TYR A 103 4.95 6.44 -6.90
CA TYR A 103 5.01 7.88 -6.60
C TYR A 103 4.48 8.70 -7.76
N GLN A 104 4.92 8.39 -8.97
CA GLN A 104 4.50 9.16 -10.15
C GLN A 104 2.98 9.16 -10.28
N THR A 105 2.35 8.02 -10.05
CA THR A 105 0.91 7.93 -10.21
C THR A 105 0.16 8.57 -9.04
N LEU A 106 0.71 8.45 -7.82
CA LEU A 106 0.14 9.18 -6.69
C LEU A 106 0.21 10.68 -6.92
N THR A 107 1.30 11.16 -7.52
CA THR A 107 1.37 12.58 -7.85
C THR A 107 0.25 12.98 -8.81
N GLU A 108 0.05 12.17 -9.85
CA GLU A 108 -1.00 12.46 -10.84
C GLU A 108 -2.37 12.59 -10.18
N TYR A 109 -2.65 11.73 -9.21
CA TYR A 109 -3.95 11.68 -8.55
C TYR A 109 -3.95 12.33 -7.18
N ASP A 110 -2.98 13.20 -6.90
CA ASP A 110 -2.87 13.69 -5.54
C ASP A 110 -4.07 14.56 -5.14
N GLU A 111 -4.60 15.36 -6.05
CA GLU A 111 -5.70 16.24 -5.68
C GLU A 111 -6.90 15.41 -5.23
N HIS A 112 -7.29 14.41 -6.04
CA HIS A 112 -8.44 13.59 -5.66
C HIS A 112 -8.15 12.75 -4.42
N LEU A 113 -6.94 12.17 -4.34
CA LEU A 113 -6.63 11.34 -3.18
C LEU A 113 -6.62 12.16 -1.89
N THR A 114 -6.05 13.36 -1.95
CA THR A 114 -6.02 14.22 -0.78
C THR A 114 -7.42 14.61 -0.32
N GLN A 115 -8.29 14.93 -1.27
CA GLN A 115 -9.65 15.29 -0.92
C GLN A 115 -10.37 14.12 -0.27
N LEU A 116 -10.26 12.93 -0.86
CA LEU A 116 -10.87 11.74 -0.28
C LEU A 116 -10.31 11.46 1.10
N GLU A 117 -8.99 11.56 1.24
CA GLU A 117 -8.34 11.32 2.53
C GLU A 117 -8.87 12.27 3.60
N LYS A 118 -8.99 13.54 3.26
CA LYS A 118 -9.51 14.53 4.21
C LYS A 118 -10.96 14.24 4.56
N ASP A 119 -11.78 13.95 3.55
CA ASP A 119 -13.19 13.74 3.81
C ASP A 119 -13.44 12.43 4.56
N ILE A 120 -12.62 11.41 4.33
CA ILE A 120 -12.73 10.19 5.12
C ILE A 120 -12.41 10.48 6.58
N CYS A 121 -11.37 11.26 6.82
CA CYS A 121 -10.95 11.59 8.18
C CYS A 121 -12.03 12.39 8.90
N THR A 122 -12.56 13.41 8.22
CA THR A 122 -13.62 14.21 8.83
C THR A 122 -14.82 13.34 9.19
N ALA A 123 -15.25 12.50 8.26
CA ALA A 123 -16.39 11.64 8.48
C ALA A 123 -16.13 10.66 9.63
N LYS A 124 -14.93 10.09 9.69
CA LYS A 124 -14.63 9.17 10.78
C LYS A 124 -14.67 9.89 12.13
N GLU A 125 -14.11 11.09 12.20
CA GLU A 125 -14.14 11.83 13.45
C GLU A 125 -15.56 12.18 13.84
N ALA A 126 -16.42 12.48 12.87
CA ALA A 126 -17.81 12.80 13.20
C ALA A 126 -18.56 11.56 13.68
N ALA A 127 -18.36 10.42 13.03
CA ALA A 127 -19.02 9.19 13.47
C ALA A 127 -18.53 8.76 14.85
N LEU A 128 -17.24 8.96 15.13
CA LEU A 128 -16.72 8.65 16.46
C LEU A 128 -17.40 9.51 17.52
N GLU A 129 -17.48 10.82 17.28
CA GLU A 129 -18.15 11.71 18.22
C GLU A 129 -19.60 11.31 18.42
N GLU A 130 -20.32 11.03 17.33
CA GLU A 130 -21.72 10.65 17.46
C GLU A 130 -21.86 9.32 18.19
N ALA A 131 -20.95 8.37 17.92
CA ALA A 131 -21.00 7.10 18.65
C ALA A 131 -20.83 7.34 20.15
N GLU A 132 -19.92 8.25 20.51
CA GLU A 132 -19.63 8.50 21.92
C GLU A 132 -20.76 9.26 22.59
N LEU A 133 -21.32 10.26 21.91
CA LEU A 133 -22.48 10.95 22.47
C LEU A 133 -23.63 9.97 22.66
N GLU A 134 -23.79 9.02 21.73
CA GLU A 134 -24.84 8.03 21.83
C GLU A 134 -24.64 7.09 23.02
N SER A 135 -23.44 6.51 23.15
CA SER A 135 -23.19 5.55 24.23
C SER A 135 -23.52 6.14 25.59
N LEU A 136 -23.44 7.46 25.73
CA LEU A 136 -23.68 8.13 27.00
C LEU A 136 -25.13 8.57 27.22
N ASP A 137 -26.04 8.20 26.31
CA ASP A 137 -27.48 8.47 26.52
C ASP A 137 -28.11 7.40 27.43
#